data_3VBY
#
_entry.id   3VBY
#
_cell.length_a   97.000
_cell.length_b   97.000
_cell.length_c   81.000
_cell.angle_alpha   90.00
_cell.angle_beta   90.00
_cell.angle_gamma   120.00
#
_symmetry.space_group_name_H-M   'P 65'
#
loop_
_entity.id
_entity.type
_entity.pdbx_description
1 polymer 'Serine/threonine-protein kinase pim-1'
2 non-polymer furan-2-yl(1H-indol-3-yl)methanone
3 non-polymer IMIDAZOLE
4 water water
#
_entity_poly.entity_id   1
_entity_poly.type   'polypeptide(L)'
_entity_poly.pdbx_seq_one_letter_code
;MKEKEPLESQYQVGPLLGSGGFGSVYSGIRVSDNLPVAIKHVEKDRISDWGELPNGTRVPMEVVLLKKVSSGFSGVIRLL
DWFERPDSFVLILERPEPVQDLFDFITERGALQEELARSFFWQVLEAVRHCHNCGVLHRDIKDENILIDLNRGELKLIDF
GSGALLKDTVYTDFDGTRVYSPPEWIRYHRYHGRSAAVWSLGILLYDMVCGDIPFEHDEEIIRGQVFFRQRVSSECQHLI
RWCLALRPSDRPTFEEIQNHPWMQDVLLPQETAEIHLHSLSPGPSKAAALEHHHHHHHH
;
_entity_poly.pdbx_strand_id   A
#
loop_
_chem_comp.id
_chem_comp.type
_chem_comp.name
_chem_comp.formula
0FR non-polymer furan-2-yl(1H-indol-3-yl)methanone 'C13 H9 N O2'
IMD non-polymer IMIDAZOLE 'C3 H5 N2 1'
#
# COMPACT_ATOMS: atom_id res chain seq x y z
N GLU A 8 17.58 17.33 -11.84
CA GLU A 8 18.67 17.07 -12.83
C GLU A 8 20.06 17.74 -12.46
N SER A 9 20.13 19.06 -12.47
CA SER A 9 21.08 19.76 -11.60
C SER A 9 20.40 19.94 -10.22
N GLN A 10 19.07 19.96 -10.22
CA GLN A 10 18.29 20.06 -9.00
C GLN A 10 18.29 18.82 -8.03
N TYR A 11 18.76 17.65 -8.47
CA TYR A 11 18.78 16.46 -7.60
C TYR A 11 20.11 15.71 -7.65
N GLN A 12 20.64 15.32 -6.50
CA GLN A 12 21.77 14.37 -6.45
C GLN A 12 21.28 12.91 -6.38
N VAL A 13 21.57 12.13 -7.43
CA VAL A 13 21.19 10.72 -7.47
C VAL A 13 22.14 9.87 -6.65
N GLY A 14 21.60 8.96 -5.83
CA GLY A 14 22.41 7.92 -5.17
C GLY A 14 22.03 6.51 -5.69
N PRO A 15 22.16 5.50 -4.83
CA PRO A 15 21.95 4.10 -5.15
C PRO A 15 20.56 3.82 -5.72
N LEU A 16 20.47 2.88 -6.65
CA LEU A 16 19.19 2.30 -7.06
C LEU A 16 18.60 1.55 -5.87
N LEU A 17 17.37 1.86 -5.50
CA LEU A 17 16.68 1.17 -4.41
C LEU A 17 16.01 -0.10 -4.89
N GLY A 18 15.37 -0.04 -6.05
CA GLY A 18 14.79 -1.25 -6.65
C GLY A 18 14.25 -0.99 -8.04
N SER A 19 13.77 -2.04 -8.65
CA SER A 19 13.15 -1.91 -9.92
C SER A 19 12.19 -3.06 -10.08
N GLY A 20 11.23 -2.88 -10.99
CA GLY A 20 10.18 -3.83 -11.13
C GLY A 20 9.23 -3.24 -12.16
N GLY A 21 7.97 -3.66 -12.05
CA GLY A 21 6.98 -3.17 -12.97
C GLY A 21 6.72 -1.69 -12.83
N PHE A 22 7.13 -1.07 -11.72
CA PHE A 22 6.97 0.41 -11.47
C PHE A 22 8.10 1.25 -12.12
N GLY A 23 9.16 0.58 -12.62
CA GLY A 23 10.31 1.30 -13.18
C GLY A 23 11.50 1.14 -12.22
N SER A 24 12.28 2.21 -12.02
CA SER A 24 13.50 2.13 -11.23
C SER A 24 13.50 3.24 -10.25
N VAL A 25 13.72 2.95 -8.98
CA VAL A 25 13.64 3.99 -7.94
C VAL A 25 15.02 4.18 -7.41
N TYR A 26 15.55 5.41 -7.47
CA TYR A 26 16.84 5.71 -6.90
C TYR A 26 16.66 6.52 -5.69
N SER A 27 17.65 6.41 -4.79
CA SER A 27 17.72 7.24 -3.63
C SER A 27 18.34 8.49 -4.16
N GLY A 28 17.92 9.62 -3.61
CA GLY A 28 18.40 10.91 -4.04
C GLY A 28 18.31 11.97 -2.98
N ILE A 29 18.86 13.14 -3.31
CA ILE A 29 18.79 14.28 -2.43
C ILE A 29 18.42 15.48 -3.26
N ARG A 30 17.55 16.33 -2.77
CA ARG A 30 17.26 17.56 -3.47
C ARG A 30 18.34 18.54 -3.08
N VAL A 31 19.03 19.07 -4.08
CA VAL A 31 20.21 19.88 -3.80
C VAL A 31 19.83 21.18 -3.06
N SER A 32 18.77 21.86 -3.51
CA SER A 32 18.35 23.11 -2.83
C SER A 32 18.37 23.06 -1.30
N ASP A 33 17.79 22.05 -0.64
CA ASP A 33 17.75 21.99 0.83
C ASP A 33 18.17 20.66 1.50
N ASN A 34 19.00 19.87 0.83
CA ASN A 34 19.31 18.45 1.22
C ASN A 34 18.18 17.51 1.65
N LEU A 35 16.99 17.71 1.10
CA LEU A 35 15.90 16.82 1.46
C LEU A 35 16.07 15.45 0.80
N PRO A 36 16.01 14.36 1.59
CA PRO A 36 16.07 13.04 0.98
C PRO A 36 14.90 12.86 0.04
N VAL A 37 15.16 12.33 -1.15
CA VAL A 37 14.08 12.01 -2.09
C VAL A 37 14.27 10.60 -2.73
N ALA A 38 13.20 10.07 -3.30
CA ALA A 38 13.27 8.89 -4.16
C ALA A 38 12.96 9.47 -5.50
N ILE A 39 13.72 9.01 -6.51
CA ILE A 39 13.61 9.43 -7.88
C ILE A 39 13.21 8.21 -8.69
N LYS A 40 12.02 8.27 -9.26
CA LYS A 40 11.48 7.13 -9.94
C LYS A 40 11.24 7.42 -11.40
N HIS A 41 11.82 6.55 -12.21
CA HIS A 41 11.75 6.63 -13.68
C HIS A 41 10.89 5.48 -14.15
N VAL A 42 9.92 5.81 -15.01
CA VAL A 42 9.28 4.83 -15.92
C VAL A 42 9.46 5.18 -17.36
N GLU A 43 9.60 4.15 -18.19
CA GLU A 43 9.65 4.34 -19.63
C GLU A 43 8.22 4.63 -20.08
N LYS A 44 8.04 5.58 -20.98
CA LYS A 44 6.71 5.89 -21.53
C LYS A 44 6.01 4.67 -22.11
N ASP A 45 6.75 3.79 -22.76
CA ASP A 45 6.23 2.57 -23.36
C ASP A 45 5.65 1.62 -22.31
N ARG A 46 6.17 1.70 -21.08
CA ARG A 46 5.77 0.76 -20.03
C ARG A 46 4.62 1.28 -19.22
N ILE A 47 4.19 2.50 -19.51
CA ILE A 47 3.00 3.13 -18.90
C ILE A 47 1.70 2.59 -19.55
N SER A 48 0.87 1.90 -18.77
CA SER A 48 -0.43 1.38 -19.25
C SER A 48 -1.53 2.45 -19.38
N ASP A 49 -1.56 3.36 -18.39
CA ASP A 49 -2.72 4.20 -18.10
C ASP A 49 -2.39 5.68 -17.93
N TRP A 50 -3.11 6.58 -18.61
CA TRP A 50 -2.76 8.03 -18.65
C TRP A 50 -3.89 8.92 -18.27
N GLY A 51 -3.57 10.13 -17.83
CA GLY A 51 -4.59 11.19 -17.60
C GLY A 51 -4.11 12.63 -17.85
N GLU A 52 -4.79 13.60 -17.23
CA GLU A 52 -4.37 15.03 -17.26
C GLU A 52 -5.01 15.78 -16.10
N THR A 57 -2.11 18.64 -20.29
CA THR A 57 -0.97 17.82 -20.70
C THR A 57 -1.20 16.39 -20.27
N ARG A 58 -0.73 15.45 -21.10
CA ARG A 58 -0.83 13.99 -20.82
C ARG A 58 0.27 13.55 -19.81
N VAL A 59 -0.15 13.19 -18.60
CA VAL A 59 0.75 12.61 -17.59
C VAL A 59 0.32 11.15 -17.32
N PRO A 60 1.20 10.31 -16.73
CA PRO A 60 0.75 9.00 -16.31
C PRO A 60 -0.32 9.15 -15.28
N MET A 61 -1.25 8.22 -15.26
CA MET A 61 -2.28 8.21 -14.23
C MET A 61 -1.64 8.36 -12.82
N GLU A 62 -0.50 7.71 -12.61
CA GLU A 62 0.14 7.74 -11.31
C GLU A 62 0.33 9.16 -10.83
N VAL A 63 0.69 10.04 -11.76
CA VAL A 63 0.92 11.46 -11.43
C VAL A 63 -0.42 12.15 -11.05
N VAL A 64 -1.47 11.89 -11.82
CA VAL A 64 -2.78 12.43 -11.47
C VAL A 64 -3.16 11.94 -10.05
N LEU A 65 -2.95 10.64 -9.77
CA LEU A 65 -3.39 10.07 -8.51
C LEU A 65 -2.53 10.64 -7.40
N LEU A 66 -1.20 10.64 -7.57
CA LEU A 66 -0.34 11.32 -6.59
C LEU A 66 -0.64 12.80 -6.30
N LYS A 67 -1.04 13.59 -7.30
CA LYS A 67 -1.29 15.00 -7.03
C LYS A 67 -2.54 15.09 -6.22
N LYS A 68 -3.47 14.18 -6.45
CA LYS A 68 -4.73 14.29 -5.71
C LYS A 68 -4.51 13.86 -4.25
N VAL A 69 -3.57 12.93 -3.96
CA VAL A 69 -3.38 12.53 -2.57
C VAL A 69 -2.24 13.20 -1.82
N SER A 70 -1.47 14.06 -2.49
CA SER A 70 -0.21 14.59 -1.90
C SER A 70 -0.36 15.94 -1.24
N SER A 71 -1.61 16.35 -1.05
CA SER A 71 -1.91 17.67 -0.46
C SER A 71 -2.00 17.54 1.03
N GLY A 72 -1.47 18.53 1.76
CA GLY A 72 -1.32 18.39 3.22
C GLY A 72 -0.59 17.09 3.61
N PHE A 73 -0.71 16.68 4.89
CA PHE A 73 0.01 15.50 5.34
C PHE A 73 -0.80 14.19 5.19
N SER A 74 -0.09 13.09 4.97
CA SER A 74 -0.69 11.81 5.22
C SER A 74 0.34 10.65 5.30
N GLY A 75 -0.22 9.45 5.36
CA GLY A 75 0.49 8.23 5.29
C GLY A 75 0.68 7.80 3.84
N VAL A 76 0.79 8.77 2.93
CA VAL A 76 1.14 8.47 1.56
C VAL A 76 2.50 9.12 1.25
N ILE A 77 3.47 8.40 0.66
CA ILE A 77 4.69 9.05 0.12
C ILE A 77 4.23 10.12 -0.88
N ARG A 78 4.58 11.40 -0.62
CA ARG A 78 4.08 12.54 -1.39
C ARG A 78 4.94 12.79 -2.64
N LEU A 79 4.27 13.27 -3.69
CA LEU A 79 4.92 13.61 -4.91
C LEU A 79 5.28 15.06 -4.81
N LEU A 80 6.57 15.36 -4.88
CA LEU A 80 7.10 16.71 -4.68
C LEU A 80 7.17 17.48 -5.97
N ASP A 81 7.40 16.73 -7.06
CA ASP A 81 7.65 17.26 -8.38
C ASP A 81 7.69 16.08 -9.31
N TRP A 82 7.55 16.39 -10.60
CA TRP A 82 7.75 15.43 -11.67
C TRP A 82 8.32 16.16 -12.88
N PHE A 83 8.93 15.40 -13.78
CA PHE A 83 9.52 15.89 -15.02
C PHE A 83 9.11 14.96 -16.13
N GLU A 84 9.05 15.50 -17.34
CA GLU A 84 8.79 14.64 -18.47
C GLU A 84 10.08 14.66 -19.29
N ARG A 85 10.61 13.48 -19.57
CA ARG A 85 11.74 13.36 -20.46
C ARG A 85 11.25 12.83 -21.81
N PRO A 86 12.14 12.85 -22.84
CA PRO A 86 11.57 12.47 -24.12
C PRO A 86 10.93 11.07 -24.08
N ASP A 87 11.56 10.07 -23.46
CA ASP A 87 10.94 8.72 -23.40
C ASP A 87 10.61 8.14 -22.02
N SER A 88 10.59 9.00 -21.02
CA SER A 88 10.24 8.58 -19.67
C SER A 88 9.63 9.73 -18.87
N PHE A 89 9.06 9.40 -17.73
CA PHE A 89 8.67 10.39 -16.75
C PHE A 89 9.44 10.15 -15.47
N VAL A 90 9.76 11.23 -14.81
CA VAL A 90 10.56 11.16 -13.62
C VAL A 90 9.77 11.80 -12.49
N LEU A 91 9.61 11.02 -11.43
CA LEU A 91 8.81 11.44 -10.29
C LEU A 91 9.75 11.69 -9.14
N ILE A 92 9.53 12.81 -8.45
CA ILE A 92 10.32 13.11 -7.28
C ILE A 92 9.40 12.87 -6.14
N LEU A 93 9.83 12.00 -5.25
CA LEU A 93 8.97 11.61 -4.13
C LEU A 93 9.71 11.81 -2.82
N GLU A 94 8.95 11.92 -1.75
CA GLU A 94 9.51 11.88 -0.42
C GLU A 94 10.29 10.62 -0.16
N ARG A 95 11.33 10.78 0.63
CA ARG A 95 12.05 9.63 1.14
C ARG A 95 12.33 9.81 2.62
N PRO A 96 11.62 9.04 3.44
CA PRO A 96 11.92 8.85 4.88
C PRO A 96 13.28 8.19 5.01
N GLU A 97 13.95 8.46 6.11
CA GLU A 97 15.31 7.88 6.29
C GLU A 97 15.58 7.75 7.81
N PRO A 98 15.83 6.51 8.32
CA PRO A 98 15.87 5.21 7.62
C PRO A 98 14.48 4.59 7.29
N VAL A 99 14.40 3.83 6.19
CA VAL A 99 13.13 3.29 5.77
C VAL A 99 13.32 1.84 5.42
N GLN A 100 12.28 1.02 5.62
CA GLN A 100 12.31 -0.37 5.19
C GLN A 100 10.88 -0.75 4.81
N ASP A 101 10.71 -1.48 3.71
CA ASP A 101 9.38 -1.85 3.26
C ASP A 101 8.89 -2.99 4.15
N LEU A 102 7.58 -3.13 4.22
CA LEU A 102 7.00 -4.05 5.13
C LEU A 102 7.27 -5.52 4.75
N PHE A 103 7.36 -5.79 3.47
CA PHE A 103 7.85 -7.13 3.02
C PHE A 103 9.22 -7.50 3.57
N ASP A 104 10.23 -6.67 3.36
CA ASP A 104 11.55 -6.97 3.97
C ASP A 104 11.44 -7.09 5.48
N PHE A 105 10.68 -6.20 6.08
CA PHE A 105 10.59 -6.20 7.51
C PHE A 105 10.00 -7.49 8.03
N ILE A 106 8.99 -8.01 7.36
CA ILE A 106 8.39 -9.31 7.71
C ILE A 106 9.32 -10.51 7.39
N THR A 107 9.96 -10.49 6.23
CA THR A 107 11.00 -11.51 5.95
C THR A 107 12.04 -11.66 7.10
N GLU A 108 12.49 -10.55 7.69
CA GLU A 108 13.47 -10.55 8.78
C GLU A 108 12.93 -10.89 10.14
N ARG A 109 11.73 -10.40 10.47
CA ARG A 109 11.28 -10.61 11.81
C ARG A 109 10.23 -11.72 11.95
N GLY A 110 9.84 -12.29 10.81
CA GLY A 110 8.75 -13.24 10.78
C GLY A 110 7.41 -12.61 11.16
N ALA A 111 6.49 -13.41 11.66
CA ALA A 111 5.15 -12.95 11.99
C ALA A 111 5.30 -11.86 13.07
N LEU A 112 4.51 -10.79 12.96
CA LEU A 112 4.57 -9.66 13.89
C LEU A 112 3.69 -9.92 15.09
N GLN A 113 4.20 -9.52 16.24
CA GLN A 113 3.35 -9.33 17.39
C GLN A 113 2.07 -8.50 17.05
N GLU A 114 0.96 -8.90 17.63
CA GLU A 114 -0.32 -8.25 17.28
C GLU A 114 -0.34 -6.74 17.58
N GLU A 115 0.34 -6.33 18.65
CA GLU A 115 0.35 -4.94 19.01
C GLU A 115 1.02 -4.12 17.88
N LEU A 116 2.08 -4.68 17.30
CA LEU A 116 2.76 -4.08 16.19
C LEU A 116 1.96 -4.10 14.91
N ALA A 117 1.39 -5.27 14.55
CA ALA A 117 0.49 -5.43 13.38
C ALA A 117 -0.69 -4.44 13.54
N ARG A 118 -1.24 -4.27 14.76
CA ARG A 118 -2.43 -3.40 14.97
C ARG A 118 -2.04 -1.94 14.60
N SER A 119 -0.86 -1.56 15.05
CA SER A 119 -0.40 -0.18 14.81
C SER A 119 -0.12 0.08 13.34
N PHE A 120 0.60 -0.85 12.71
CA PHE A 120 0.83 -0.88 11.24
C PHE A 120 -0.49 -0.89 10.44
N PHE A 121 -1.34 -1.88 10.73
CA PHE A 121 -2.61 -1.95 10.10
C PHE A 121 -3.50 -0.65 10.20
N TRP A 122 -3.61 -0.06 11.37
CA TRP A 122 -4.35 1.15 11.60
C TRP A 122 -3.78 2.24 10.70
N GLN A 123 -2.46 2.43 10.71
CA GLN A 123 -1.86 3.43 9.86
C GLN A 123 -2.11 3.19 8.42
N VAL A 124 -2.20 1.90 8.06
CA VAL A 124 -2.55 1.60 6.70
C VAL A 124 -3.99 2.04 6.38
N LEU A 125 -4.92 1.72 7.27
CA LEU A 125 -6.31 2.09 7.14
C LEU A 125 -6.46 3.61 7.04
N GLU A 126 -5.79 4.39 7.88
CA GLU A 126 -5.85 5.89 7.75
C GLU A 126 -5.36 6.41 6.38
N ALA A 127 -4.28 5.80 5.86
CA ALA A 127 -3.71 6.16 4.57
C ALA A 127 -4.67 5.85 3.39
N VAL A 128 -5.25 4.65 3.43
CA VAL A 128 -6.24 4.28 2.43
C VAL A 128 -7.50 5.14 2.53
N ARG A 129 -7.95 5.52 3.74
CA ARG A 129 -9.13 6.45 3.85
C ARG A 129 -8.81 7.77 3.26
N HIS A 130 -7.60 8.26 3.54
CA HIS A 130 -7.15 9.48 2.95
C HIS A 130 -7.13 9.37 1.44
N CYS A 131 -6.57 8.29 0.89
CA CYS A 131 -6.59 8.17 -0.58
C CYS A 131 -8.02 8.25 -1.10
N HIS A 132 -8.89 7.44 -0.50
CA HIS A 132 -10.31 7.43 -0.82
C HIS A 132 -11.05 8.77 -0.72
N ASN A 133 -10.85 9.52 0.38
CA ASN A 133 -11.35 10.89 0.51
C ASN A 133 -10.85 11.84 -0.59
N CYS A 134 -9.66 11.55 -1.07
CA CYS A 134 -9.06 12.29 -2.17
C CYS A 134 -9.56 11.92 -3.57
N GLY A 135 -10.41 10.90 -3.69
CA GLY A 135 -10.91 10.35 -4.99
C GLY A 135 -9.99 9.31 -5.65
N VAL A 136 -9.06 8.72 -4.86
CA VAL A 136 -8.08 7.77 -5.39
C VAL A 136 -8.16 6.34 -4.79
N LEU A 137 -8.22 5.33 -5.67
CA LEU A 137 -8.19 3.95 -5.26
C LEU A 137 -6.77 3.40 -5.57
N HIS A 138 -6.06 2.94 -4.54
CA HIS A 138 -4.67 2.46 -4.73
C HIS A 138 -4.57 1.16 -5.56
N ARG A 139 -5.43 0.18 -5.25
CA ARG A 139 -5.46 -1.10 -5.99
C ARG A 139 -4.22 -2.00 -5.92
N ASP A 140 -3.21 -1.64 -5.16
CA ASP A 140 -2.14 -2.61 -4.97
C ASP A 140 -1.62 -2.63 -3.55
N ILE A 141 -2.51 -2.52 -2.57
CA ILE A 141 -2.10 -2.55 -1.17
C ILE A 141 -1.49 -3.93 -0.89
N LYS A 142 -0.24 -3.97 -0.39
CA LYS A 142 0.40 -5.20 0.06
C LYS A 142 1.67 -4.78 0.80
N ASP A 143 2.40 -5.75 1.41
CA ASP A 143 3.54 -5.39 2.29
C ASP A 143 4.58 -4.61 1.55
N GLU A 144 4.86 -4.97 0.29
CA GLU A 144 5.92 -4.33 -0.51
C GLU A 144 5.61 -2.89 -0.86
N ASN A 145 4.32 -2.49 -0.76
CA ASN A 145 3.90 -1.15 -1.08
C ASN A 145 3.68 -0.33 0.12
N ILE A 146 4.27 -0.76 1.21
CA ILE A 146 4.14 0.01 2.43
C ILE A 146 5.56 0.22 3.00
N LEU A 147 5.93 1.47 3.22
CA LEU A 147 7.24 1.76 3.74
C LEU A 147 7.08 2.12 5.17
N ILE A 148 8.05 1.68 5.98
CA ILE A 148 8.16 2.01 7.35
C ILE A 148 9.27 3.06 7.56
N ASP A 149 8.91 4.21 8.13
CA ASP A 149 9.93 5.17 8.57
C ASP A 149 10.31 4.60 9.95
N LEU A 150 11.47 3.98 10.04
CA LEU A 150 11.81 3.21 11.23
C LEU A 150 12.06 4.09 12.45
N ASN A 151 12.25 5.39 12.30
CA ASN A 151 12.46 6.22 13.49
C ASN A 151 11.15 6.79 14.00
N ARG A 152 10.28 7.22 13.09
CA ARG A 152 9.00 7.77 13.52
C ARG A 152 7.91 6.68 13.70
N GLY A 153 8.16 5.48 13.17
CA GLY A 153 7.21 4.35 13.25
C GLY A 153 6.02 4.64 12.35
N GLU A 154 6.21 5.51 11.36
CA GLU A 154 5.12 5.89 10.45
C GLU A 154 5.22 5.11 9.18
N LEU A 155 4.06 4.61 8.73
CA LEU A 155 3.95 3.86 7.52
C LEU A 155 3.45 4.76 6.35
N LYS A 156 3.95 4.47 5.17
CA LYS A 156 3.70 5.30 4.03
C LYS A 156 3.44 4.44 2.82
N LEU A 157 2.29 4.68 2.22
CA LEU A 157 1.87 4.01 1.03
C LEU A 157 2.68 4.45 -0.16
N ILE A 158 3.10 3.48 -0.98
CA ILE A 158 3.82 3.80 -2.18
C ILE A 158 3.18 3.04 -3.33
N ASP A 159 3.60 3.43 -4.53
CA ASP A 159 3.25 2.76 -5.77
C ASP A 159 1.77 2.86 -6.14
N PHE A 160 1.40 4.03 -6.70
CA PHE A 160 0.07 4.26 -7.24
C PHE A 160 -0.04 3.87 -8.71
N GLY A 161 0.92 3.06 -9.14
CA GLY A 161 1.02 2.76 -10.57
C GLY A 161 -0.04 1.81 -11.07
N SER A 162 -0.77 1.12 -10.18
CA SER A 162 -1.97 0.35 -10.63
C SER A 162 -3.30 0.97 -10.18
N GLY A 163 -3.26 2.20 -9.65
CA GLY A 163 -4.44 2.77 -8.93
C GLY A 163 -5.37 3.39 -9.96
N ALA A 164 -6.47 3.98 -9.53
CA ALA A 164 -7.42 4.64 -10.42
C ALA A 164 -8.14 5.69 -9.62
N LEU A 165 -8.89 6.57 -10.26
CA LEU A 165 -9.83 7.43 -9.59
C LEU A 165 -10.84 6.53 -8.93
N LEU A 166 -11.27 6.91 -7.74
CA LEU A 166 -12.30 6.18 -7.07
C LEU A 166 -13.63 6.53 -7.73
N LYS A 167 -14.51 5.53 -7.79
CA LYS A 167 -15.81 5.63 -8.45
C LYS A 167 -16.64 4.51 -7.86
N ASP A 168 -17.93 4.57 -8.16
CA ASP A 168 -18.90 3.79 -7.40
C ASP A 168 -19.44 2.65 -8.27
N THR A 169 -19.06 2.68 -9.54
CA THR A 169 -19.41 1.67 -10.52
C THR A 169 -18.34 0.58 -10.54
N VAL A 170 -18.50 -0.45 -11.36
CA VAL A 170 -17.66 -1.64 -11.18
C VAL A 170 -16.37 -1.41 -11.93
N TYR A 171 -15.25 -1.98 -11.45
CA TYR A 171 -13.97 -1.93 -12.16
C TYR A 171 -13.83 -3.26 -12.92
N THR A 172 -13.42 -3.20 -14.19
CA THR A 172 -13.28 -4.40 -14.97
C THR A 172 -11.85 -4.63 -15.40
N ASP A 173 -10.93 -3.81 -14.92
CA ASP A 173 -9.52 -3.90 -15.22
C ASP A 173 -8.79 -3.97 -13.87
N PHE A 174 -7.68 -4.72 -13.84
CA PHE A 174 -6.87 -4.82 -12.65
C PHE A 174 -5.50 -5.26 -13.04
N ASP A 175 -4.49 -4.57 -12.53
CA ASP A 175 -3.12 -4.92 -12.83
C ASP A 175 -2.30 -4.85 -11.54
N GLY A 176 -2.93 -5.17 -10.42
CA GLY A 176 -2.28 -5.18 -9.13
C GLY A 176 -1.74 -6.57 -8.87
N THR A 177 -1.61 -6.95 -7.62
CA THR A 177 -1.03 -8.20 -7.25
C THR A 177 -2.08 -9.25 -7.07
N ARG A 178 -1.96 -10.35 -7.80
CA ARG A 178 -3.02 -11.37 -7.87
C ARG A 178 -3.38 -11.96 -6.49
N VAL A 179 -2.36 -12.30 -5.71
CA VAL A 179 -2.57 -13.06 -4.49
C VAL A 179 -3.21 -12.17 -3.49
N TYR A 180 -3.41 -10.90 -3.85
CA TYR A 180 -4.12 -9.92 -2.96
C TYR A 180 -5.40 -9.47 -3.61
N SER A 181 -5.68 -10.00 -4.79
CA SER A 181 -6.89 -9.64 -5.50
C SER A 181 -8.09 -10.50 -4.99
N PRO A 182 -9.31 -9.94 -5.02
CA PRO A 182 -10.40 -10.66 -4.39
C PRO A 182 -10.97 -11.75 -5.29
N PRO A 183 -11.80 -12.64 -4.74
CA PRO A 183 -12.24 -13.73 -5.55
C PRO A 183 -13.18 -13.30 -6.65
N GLU A 184 -13.86 -12.14 -6.53
CA GLU A 184 -14.73 -11.66 -7.61
C GLU A 184 -13.90 -11.17 -8.78
N TRP A 185 -12.67 -10.75 -8.54
CA TRP A 185 -11.80 -10.42 -9.67
C TRP A 185 -11.39 -11.75 -10.28
N ILE A 186 -10.91 -12.67 -9.46
CA ILE A 186 -10.42 -13.96 -9.98
C ILE A 186 -11.49 -14.64 -10.84
N ARG A 187 -12.74 -14.74 -10.34
CA ARG A 187 -13.84 -15.43 -11.02
C ARG A 187 -14.51 -14.64 -12.16
N TYR A 188 -14.55 -13.29 -12.07
CA TYR A 188 -15.39 -12.46 -12.99
C TYR A 188 -14.65 -11.28 -13.63
N HIS A 189 -13.44 -11.00 -13.17
CA HIS A 189 -12.78 -9.81 -13.64
C HIS A 189 -13.73 -8.57 -13.38
N ARG A 190 -14.41 -8.55 -12.23
CA ARG A 190 -15.26 -7.44 -11.80
C ARG A 190 -15.05 -7.28 -10.32
N TYR A 191 -14.87 -6.04 -9.86
CA TYR A 191 -14.91 -5.69 -8.40
C TYR A 191 -15.30 -4.22 -8.22
N HIS A 192 -15.72 -3.85 -7.02
CA HIS A 192 -15.91 -2.46 -6.75
C HIS A 192 -14.71 -2.04 -5.91
N GLY A 193 -14.42 -0.75 -5.87
CA GLY A 193 -13.16 -0.32 -5.30
C GLY A 193 -12.96 -0.62 -3.84
N ARG A 194 -13.88 -0.19 -3.00
CA ARG A 194 -13.75 -0.27 -1.58
C ARG A 194 -13.70 -1.66 -1.07
N SER A 195 -14.59 -2.52 -1.59
CA SER A 195 -14.62 -3.87 -1.08
C SER A 195 -13.40 -4.72 -1.57
N ALA A 196 -12.86 -4.42 -2.74
CA ALA A 196 -11.66 -5.10 -3.20
C ALA A 196 -10.50 -4.61 -2.33
N ALA A 197 -10.54 -3.31 -1.94
CA ALA A 197 -9.46 -2.76 -1.07
C ALA A 197 -9.47 -3.46 0.29
N VAL A 198 -10.65 -3.61 0.81
CA VAL A 198 -10.85 -4.28 2.08
C VAL A 198 -10.33 -5.73 2.05
N TRP A 199 -10.56 -6.46 0.97
CA TRP A 199 -10.06 -7.83 0.84
C TRP A 199 -8.54 -7.78 0.90
N SER A 200 -7.91 -6.81 0.23
CA SER A 200 -6.47 -6.80 0.18
C SER A 200 -5.94 -6.43 1.57
N LEU A 201 -6.69 -5.61 2.33
CA LEU A 201 -6.33 -5.31 3.68
C LEU A 201 -6.41 -6.61 4.52
N GLY A 202 -7.36 -7.49 4.24
CA GLY A 202 -7.40 -8.80 4.92
C GLY A 202 -6.17 -9.64 4.66
N ILE A 203 -5.68 -9.65 3.41
CA ILE A 203 -4.49 -10.45 3.05
C ILE A 203 -3.34 -9.87 3.82
N LEU A 204 -3.33 -8.53 3.82
CA LEU A 204 -2.21 -7.80 4.44
C LEU A 204 -2.19 -8.09 5.93
N LEU A 205 -3.37 -8.08 6.56
CA LEU A 205 -3.40 -8.24 7.99
C LEU A 205 -2.90 -9.66 8.32
N TYR A 206 -3.29 -10.62 7.48
CA TYR A 206 -2.93 -12.05 7.68
C TYR A 206 -1.44 -12.14 7.51
N ASP A 207 -0.91 -11.52 6.47
CA ASP A 207 0.48 -11.55 6.21
C ASP A 207 1.30 -11.02 7.44
N MET A 208 0.87 -9.88 7.95
CA MET A 208 1.45 -9.28 9.08
C MET A 208 1.44 -10.27 10.25
N VAL A 209 0.32 -10.89 10.59
CA VAL A 209 0.36 -11.65 11.88
C VAL A 209 0.84 -13.12 11.70
N CYS A 210 0.85 -13.60 10.46
CA CYS A 210 1.28 -14.98 10.21
C CYS A 210 2.66 -15.06 9.59
N GLY A 211 3.09 -13.97 8.95
CA GLY A 211 4.43 -13.93 8.37
C GLY A 211 4.42 -14.30 6.90
N ASP A 212 3.24 -14.54 6.34
CA ASP A 212 3.13 -14.94 4.96
C ASP A 212 1.67 -14.74 4.58
N ILE A 213 1.41 -14.62 3.28
CA ILE A 213 0.10 -14.37 2.79
C ILE A 213 -0.64 -15.70 2.89
N PRO A 214 -2.00 -15.65 3.00
CA PRO A 214 -2.71 -16.91 3.30
C PRO A 214 -2.88 -17.87 2.10
N PHE A 215 -2.96 -17.29 0.89
CA PHE A 215 -3.39 -17.99 -0.33
C PHE A 215 -2.30 -17.80 -1.36
N GLU A 216 -1.90 -18.85 -2.08
CA GLU A 216 -1.02 -18.68 -3.28
C GLU A 216 -1.80 -18.96 -4.58
N HIS A 217 -2.78 -19.84 -4.54
CA HIS A 217 -3.38 -20.35 -5.77
C HIS A 217 -4.77 -19.76 -5.96
N ASP A 218 -5.17 -19.49 -7.22
CA ASP A 218 -6.54 -19.01 -7.53
C ASP A 218 -7.63 -19.76 -6.73
N GLU A 219 -7.44 -21.08 -6.61
CA GLU A 219 -8.34 -22.02 -5.90
C GLU A 219 -8.58 -21.72 -4.42
N GLU A 220 -7.50 -21.50 -3.70
CA GLU A 220 -7.57 -21.04 -2.30
C GLU A 220 -8.21 -19.69 -2.14
N ILE A 221 -7.92 -18.76 -3.05
CA ILE A 221 -8.54 -17.41 -2.98
C ILE A 221 -10.05 -17.57 -3.09
N ILE A 222 -10.47 -18.27 -4.13
CA ILE A 222 -11.87 -18.54 -4.42
C ILE A 222 -12.52 -19.35 -3.31
N ARG A 223 -11.80 -20.34 -2.75
CA ARG A 223 -12.35 -21.10 -1.63
C ARG A 223 -12.52 -20.19 -0.41
N GLY A 224 -11.56 -19.28 -0.20
CA GLY A 224 -11.70 -18.29 0.83
C GLY A 224 -11.57 -18.78 2.26
N GLN A 225 -11.09 -20.02 2.43
CA GLN A 225 -10.98 -20.63 3.73
C GLN A 225 -9.58 -20.31 4.31
N VAL A 226 -9.56 -19.72 5.50
CA VAL A 226 -8.35 -19.24 6.07
C VAL A 226 -7.80 -20.14 7.15
N PHE A 227 -6.60 -20.65 6.93
CA PHE A 227 -5.88 -21.44 7.90
C PHE A 227 -4.72 -20.68 8.59
N PHE A 228 -4.72 -20.67 9.91
CA PHE A 228 -3.67 -19.99 10.65
C PHE A 228 -2.55 -20.87 11.03
N ARG A 229 -1.35 -20.40 10.73
CA ARG A 229 -0.14 -21.23 10.87
C ARG A 229 0.67 -20.76 12.07
N GLN A 230 0.45 -19.51 12.50
CA GLN A 230 0.87 -19.00 13.77
C GLN A 230 -0.33 -18.87 14.70
N ARG A 231 0.03 -18.84 15.98
CA ARG A 231 -0.90 -18.45 16.97
C ARG A 231 -1.35 -16.97 16.80
N VAL A 232 -2.65 -16.76 16.60
CA VAL A 232 -3.24 -15.43 16.36
C VAL A 232 -4.52 -15.36 17.22
N SER A 233 -4.69 -14.28 17.98
CA SER A 233 -5.91 -14.08 18.79
C SER A 233 -7.19 -14.29 17.97
N SER A 234 -8.24 -14.78 18.61
CA SER A 234 -9.55 -14.91 17.96
C SER A 234 -10.12 -13.61 17.36
N GLU A 235 -9.86 -12.46 17.98
CA GLU A 235 -10.44 -11.20 17.49
C GLU A 235 -9.73 -10.85 16.19
N CYS A 236 -8.43 -11.11 16.15
CA CYS A 236 -7.63 -10.90 14.94
C CYS A 236 -8.04 -11.82 13.81
N GLN A 237 -8.16 -13.13 14.11
CA GLN A 237 -8.64 -14.08 13.10
C GLN A 237 -10.02 -13.63 12.62
N HIS A 238 -10.84 -13.07 13.52
CA HIS A 238 -12.19 -12.68 13.10
C HIS A 238 -12.17 -11.48 12.16
N LEU A 239 -11.43 -10.44 12.54
CA LEU A 239 -11.26 -9.30 11.65
C LEU A 239 -10.72 -9.72 10.30
N ILE A 240 -9.80 -10.69 10.28
CA ILE A 240 -9.23 -11.12 9.01
C ILE A 240 -10.31 -11.81 8.20
N ARG A 241 -11.06 -12.65 8.84
CA ARG A 241 -12.00 -13.45 8.08
C ARG A 241 -13.13 -12.56 7.60
N TRP A 242 -13.45 -11.52 8.35
CA TRP A 242 -14.43 -10.55 7.90
C TRP A 242 -13.92 -9.80 6.67
N CYS A 243 -12.66 -9.36 6.67
CA CYS A 243 -12.11 -8.64 5.48
C CYS A 243 -12.11 -9.57 4.32
N LEU A 244 -11.93 -10.87 4.57
CA LEU A 244 -11.85 -11.82 3.50
C LEU A 244 -13.18 -12.55 3.30
N ALA A 245 -14.30 -11.91 3.61
CA ALA A 245 -15.61 -12.44 3.23
C ALA A 245 -15.65 -12.61 1.73
N LEU A 246 -16.14 -13.77 1.28
CA LEU A 246 -16.26 -14.08 -0.13
C LEU A 246 -17.20 -13.09 -0.88
N ARG A 247 -18.34 -12.77 -0.31
CA ARG A 247 -19.19 -11.78 -0.91
C ARG A 247 -18.67 -10.39 -0.58
N PRO A 248 -18.35 -9.60 -1.61
CA PRO A 248 -17.95 -8.20 -1.36
C PRO A 248 -18.81 -7.46 -0.31
N SER A 249 -20.15 -7.60 -0.36
CA SER A 249 -20.99 -6.78 0.51
C SER A 249 -20.94 -7.23 1.96
N ASP A 250 -20.48 -8.47 2.20
CA ASP A 250 -20.25 -8.92 3.56
C ASP A 250 -18.93 -8.37 4.20
N ARG A 251 -18.09 -7.67 3.43
CA ARG A 251 -16.83 -7.11 3.96
C ARG A 251 -17.11 -5.85 4.81
N PRO A 252 -16.21 -5.52 5.72
CA PRO A 252 -16.46 -4.36 6.57
C PRO A 252 -16.14 -3.09 5.80
N THR A 253 -16.80 -1.96 6.12
CA THR A 253 -16.39 -0.64 5.66
C THR A 253 -15.13 -0.26 6.48
N PHE A 254 -14.46 0.82 6.10
CA PHE A 254 -13.24 1.19 6.80
C PHE A 254 -13.59 1.49 8.18
N GLU A 255 -14.77 2.10 8.36
CA GLU A 255 -15.25 2.45 9.65
C GLU A 255 -15.47 1.20 10.52
N GLU A 256 -16.13 0.20 10.01
CA GLU A 256 -16.30 -1.03 10.79
C GLU A 256 -14.98 -1.70 11.14
N ILE A 257 -14.00 -1.61 10.24
CA ILE A 257 -12.71 -2.21 10.50
C ILE A 257 -12.07 -1.46 11.70
N GLN A 258 -12.09 -0.12 11.63
CA GLN A 258 -11.49 0.68 12.72
C GLN A 258 -12.28 0.69 14.02
N ASN A 259 -13.55 0.29 13.96
CA ASN A 259 -14.33 0.12 15.20
C ASN A 259 -14.31 -1.35 15.70
N HIS A 260 -13.62 -2.23 14.99
CA HIS A 260 -13.49 -3.63 15.42
C HIS A 260 -12.71 -3.72 16.74
N PRO A 261 -13.11 -4.68 17.60
CA PRO A 261 -12.42 -4.81 18.86
C PRO A 261 -10.90 -5.05 18.77
N TRP A 262 -10.40 -5.71 17.72
CA TRP A 262 -8.98 -6.00 17.62
C TRP A 262 -8.23 -4.69 17.38
N MET A 263 -8.93 -3.70 16.84
CA MET A 263 -8.35 -2.39 16.53
C MET A 263 -8.39 -1.36 17.65
N GLN A 264 -8.97 -1.68 18.79
CA GLN A 264 -8.97 -0.66 19.86
C GLN A 264 -7.55 -0.37 20.44
N ASP A 265 -7.35 0.81 21.05
CA ASP A 265 -6.09 1.06 21.81
C ASP A 265 -4.82 0.95 20.97
N VAL A 266 -4.86 1.34 19.71
CA VAL A 266 -3.69 1.36 18.86
C VAL A 266 -2.54 2.23 19.48
N LEU A 267 -1.31 1.76 19.35
CA LEU A 267 -0.18 2.58 19.77
C LEU A 267 -0.09 3.77 18.80
N LEU A 268 0.41 4.91 19.29
CA LEU A 268 0.89 6.03 18.43
C LEU A 268 2.06 5.57 17.57
N PRO A 269 2.31 6.23 16.41
CA PRO A 269 3.41 5.71 15.59
C PRO A 269 4.72 5.77 16.36
N GLN A 270 4.97 6.91 16.97
CA GLN A 270 6.18 7.09 17.75
C GLN A 270 6.38 6.01 18.85
N GLU A 271 5.34 5.72 19.64
CA GLU A 271 5.37 4.62 20.60
C GLU A 271 5.73 3.31 19.89
N THR A 272 5.22 3.16 18.67
CA THR A 272 5.36 1.91 18.00
C THR A 272 6.86 1.72 17.71
N ALA A 273 7.53 2.80 17.30
CA ALA A 273 8.93 2.72 16.96
C ALA A 273 9.70 2.45 18.28
N GLU A 274 9.28 3.04 19.40
CA GLU A 274 10.12 2.94 20.59
C GLU A 274 10.12 1.47 21.11
N ILE A 275 8.91 0.89 21.20
CA ILE A 275 8.70 -0.47 21.70
C ILE A 275 9.22 -1.51 20.71
N HIS A 276 9.02 -1.26 19.41
CA HIS A 276 9.16 -2.31 18.41
C HIS A 276 10.22 -2.14 17.37
N LEU A 277 10.63 -0.90 17.11
CA LEU A 277 11.54 -0.70 16.02
C LEU A 277 12.92 -0.22 16.49
N HIS A 278 13.01 0.14 17.78
CA HIS A 278 14.21 0.68 18.50
C HIS A 278 14.57 2.16 18.14
CAI 0FR B . 11.77 4.43 -1.03
CAH 0FR B . 11.47 5.68 -0.46
CAG 0FR B . 10.40 6.45 -1.00
CAF 0FR B . 9.71 5.86 -2.06
CAE 0FR B . 9.99 4.66 -2.55
CAD 0FR B . 11.05 3.94 -2.06
NAC 0FR B . 11.11 2.75 -2.74
CAB 0FR B . 10.11 2.75 -3.69
CAA 0FR B . 9.43 3.93 -3.57
CAJ 0FR B . 8.34 4.29 -4.31
OAP 0FR B . 7.75 5.39 -4.16
CAK 0FR B . 7.84 3.40 -5.20
OAL 0FR B . 6.92 3.76 -6.23
CAM 0FR B . 6.72 2.54 -6.89
CAN 0FR B . 7.47 1.61 -6.29
CAO 0FR B . 8.17 2.12 -5.29
N1 IMD C . -16.31 -2.43 1.85
C2 IMD C . -17.64 -2.73 1.63
N3 IMD C . -18.36 -1.60 1.29
C4 IMD C . -17.52 -0.54 1.31
C5 IMD C . -16.25 -1.05 1.65
N1 IMD D . 6.08 -11.24 3.26
C2 IMD D . 5.12 -11.88 2.51
N3 IMD D . 5.44 -13.19 2.44
C4 IMD D . 6.63 -13.40 3.11
C5 IMD D . 7.03 -12.16 3.63
#